data_4FD5
#
_entry.id   4FD5
#
_cell.length_a   48.026
_cell.length_b   54.203
_cell.length_c   83.089
_cell.angle_alpha   90.00
_cell.angle_beta   90.00
_cell.angle_gamma   90.00
#
_symmetry.space_group_name_H-M   'P 21 21 21'
#
loop_
_entity.id
_entity.type
_entity.pdbx_description
1 polymer 'arylalkylamine N-Acetyltransferase 2'
2 non-polymer 'IODIDE ION'
3 water water
#
_entity_poly.entity_id   1
_entity_poly.type   'polypeptide(L)'
_entity_poly.pdbx_seq_one_letter_code
;MLDSKLNNIRFETISSKYYDDVIEHLRQTFFADEPLNKAVNLTRPGQGHPLLEQHSLSTLKDNVSIMAISNDGDIAGVAL
NGILYGNTDIEKSREKLNEIQDESFKKIFKLLYEQNLKINLFKQFDVDKIFEIRILSVDSRFRGKGLAKKLIEKSEELAL
DRGFQVMKTDATGAFSQRVVSSLGFITKCEINYTDYLDENGEQIFVVDPPHEKLKIMCKVIN
;
_entity_poly.pdbx_strand_id   A
#
loop_
_chem_comp.id
_chem_comp.type
_chem_comp.name
_chem_comp.formula
IOD non-polymer 'IODIDE ION' 'I -1'
#
# COMPACT_ATOMS: atom_id res chain seq x y z
N ASN A 7 4.49 22.45 -9.58
CA ASN A 7 5.90 22.81 -9.80
C ASN A 7 6.37 22.42 -11.16
N ASN A 8 7.69 22.24 -11.24
CA ASN A 8 8.27 21.26 -12.14
C ASN A 8 8.62 20.07 -11.25
N ILE A 9 7.64 19.19 -11.09
CA ILE A 9 7.82 18.00 -10.28
C ILE A 9 8.49 16.94 -11.14
N ARG A 10 9.41 16.20 -10.54
CA ARG A 10 10.17 15.16 -11.22
C ARG A 10 9.78 13.83 -10.62
N PHE A 11 9.76 12.78 -11.42
CA PHE A 11 9.50 11.42 -10.91
C PHE A 11 10.76 10.58 -11.03
N GLU A 12 11.10 9.90 -9.94
CA GLU A 12 12.33 9.11 -9.90
C GLU A 12 12.11 7.82 -9.14
N THR A 13 12.87 6.78 -9.49
CA THR A 13 12.88 5.57 -8.68
C THR A 13 13.59 5.91 -7.36
N ILE A 14 13.08 5.41 -6.22
CA ILE A 14 13.63 5.82 -4.93
C ILE A 14 14.88 5.03 -4.60
N SER A 15 15.99 5.74 -4.47
CA SER A 15 17.29 5.15 -4.17
C SER A 15 17.56 5.29 -2.67
N SER A 16 18.58 4.59 -2.18
CA SER A 16 18.82 4.54 -0.74
C SER A 16 19.09 5.91 -0.09
N LYS A 17 19.65 6.85 -0.85
CA LYS A 17 19.94 8.17 -0.29
C LYS A 17 18.67 8.91 0.11
N TYR A 18 17.54 8.45 -0.42
CA TYR A 18 16.25 9.07 -0.12
C TYR A 18 15.41 8.29 0.88
N TYR A 19 15.87 7.11 1.29
CA TYR A 19 15.04 6.32 2.18
C TYR A 19 14.61 7.08 3.44
N ASP A 20 15.55 7.73 4.13
CA ASP A 20 15.19 8.45 5.35
C ASP A 20 14.13 9.50 5.03
N ASP A 21 14.35 10.26 3.95
CA ASP A 21 13.44 11.36 3.57
C ASP A 21 12.06 10.76 3.34
N VAL A 22 12.03 9.58 2.73
CA VAL A 22 10.74 8.98 2.36
C VAL A 22 10.03 8.52 3.62
N ILE A 23 10.78 7.90 4.54
CA ILE A 23 10.14 7.39 5.72
C ILE A 23 9.61 8.54 6.59
N GLU A 24 10.38 9.63 6.66
CA GLU A 24 9.91 10.83 7.35
C GLU A 24 8.62 11.34 6.70
N HIS A 25 8.57 11.39 5.37
CA HIS A 25 7.35 11.82 4.67
C HIS A 25 6.20 10.95 5.18
N LEU A 26 6.43 9.64 5.26
CA LEU A 26 5.34 8.76 5.66
C LEU A 26 4.94 9.08 7.10
N ARG A 27 5.92 9.25 7.98
CA ARG A 27 5.61 9.52 9.38
C ARG A 27 4.75 10.74 9.47
N GLN A 28 5.02 11.70 8.60
CA GLN A 28 4.40 13.00 8.78
C GLN A 28 3.06 13.05 8.09
N THR A 29 2.92 12.26 7.03
CA THR A 29 1.76 12.54 6.17
C THR A 29 0.85 11.35 5.98
N PHE A 30 1.37 10.15 6.23
CA PHE A 30 0.67 8.96 5.78
C PHE A 30 0.24 8.02 6.88
N PHE A 31 1.19 7.58 7.70
CA PHE A 31 0.97 6.44 8.59
C PHE A 31 -0.24 6.63 9.50
N ALA A 32 -0.33 7.79 10.16
CA ALA A 32 -1.41 8.02 11.12
C ALA A 32 -2.77 8.28 10.46
N ASP A 33 -2.75 8.61 9.17
CA ASP A 33 -3.95 8.98 8.42
C ASP A 33 -4.58 7.80 7.66
N GLU A 34 -3.79 6.74 7.46
CA GLU A 34 -4.25 5.56 6.73
C GLU A 34 -5.47 4.99 7.45
N PRO A 35 -6.54 4.63 6.70
CA PRO A 35 -7.81 4.26 7.33
C PRO A 35 -7.73 3.22 8.46
N LEU A 36 -7.05 2.10 8.23
CA LEU A 36 -6.95 1.06 9.26
C LEU A 36 -6.05 1.46 10.43
N ASN A 37 -4.90 2.02 10.13
CA ASN A 37 -4.00 2.52 11.16
C ASN A 37 -4.75 3.48 12.08
N LYS A 38 -5.53 4.38 11.49
CA LYS A 38 -6.27 5.35 12.28
C LYS A 38 -7.36 4.68 13.10
N ALA A 39 -8.07 3.74 12.49
CA ALA A 39 -9.15 3.03 13.18
C ALA A 39 -8.70 2.35 14.49
N VAL A 40 -7.49 1.81 14.52
CA VAL A 40 -7.02 1.13 15.71
C VAL A 40 -5.95 1.88 16.50
N ASN A 41 -5.85 3.19 16.23
CA ASN A 41 -4.92 4.05 16.95
C ASN A 41 -3.50 3.50 16.95
N LEU A 42 -3.06 3.07 15.78
CA LEU A 42 -1.75 2.42 15.68
C LEU A 42 -0.62 3.37 16.02
N THR A 43 -0.76 4.62 15.59
CA THR A 43 0.29 5.61 15.81
C THR A 43 -0.32 7.01 15.82
N ARG A 44 0.55 8.01 15.92
CA ARG A 44 0.10 9.38 16.04
C ARG A 44 0.78 10.16 14.93
N PRO A 45 0.20 11.27 14.50
CA PRO A 45 0.87 12.02 13.43
C PRO A 45 2.32 12.35 13.79
N GLY A 46 3.24 12.02 12.89
CA GLY A 46 4.65 12.36 13.05
C GLY A 46 5.46 11.35 13.83
N GLN A 47 4.78 10.43 14.51
CA GLN A 47 5.42 9.54 15.46
C GLN A 47 6.06 8.30 14.84
N GLY A 48 5.41 7.76 13.81
CA GLY A 48 5.89 6.56 13.17
C GLY A 48 5.59 5.30 13.98
N HIS A 49 6.22 4.21 13.60
CA HIS A 49 5.96 2.93 14.23
C HIS A 49 7.03 1.96 13.77
N PRO A 50 7.63 1.21 14.70
CA PRO A 50 8.76 0.37 14.28
C PRO A 50 8.40 -0.66 13.21
N LEU A 51 7.24 -1.31 13.31
CA LEU A 51 6.87 -2.34 12.34
C LEU A 51 6.50 -1.72 10.99
N LEU A 52 5.76 -0.63 11.01
CA LEU A 52 5.42 0.07 9.76
C LEU A 52 6.67 0.49 9.03
N GLU A 53 7.64 1.03 9.75
CA GLU A 53 8.86 1.52 9.15
C GLU A 53 9.76 0.39 8.66
N GLN A 54 9.85 -0.68 9.45
CA GLN A 54 10.56 -1.89 9.02
C GLN A 54 10.00 -2.41 7.69
N HIS A 55 8.67 -2.47 7.60
CA HIS A 55 8.00 -2.95 6.39
C HIS A 55 8.26 -2.02 5.20
N SER A 56 8.13 -0.72 5.41
CA SER A 56 8.40 0.25 4.34
C SER A 56 9.84 0.21 3.86
N LEU A 57 10.78 0.04 4.79
CA LEU A 57 12.18 -0.06 4.36
C LEU A 57 12.41 -1.32 3.53
N SER A 58 11.88 -2.44 4.00
CA SER A 58 11.98 -3.67 3.23
C SER A 58 11.41 -3.48 1.83
N THR A 59 10.25 -2.83 1.75
CA THR A 59 9.63 -2.58 0.46
C THR A 59 10.52 -1.71 -0.44
N LEU A 60 11.03 -0.61 0.12
CA LEU A 60 11.91 0.29 -0.60
C LEU A 60 13.08 -0.45 -1.23
N LYS A 61 13.64 -1.41 -0.50
CA LYS A 61 14.79 -2.13 -1.03
C LYS A 61 14.52 -3.01 -2.26
N ASP A 62 13.25 -3.21 -2.61
CA ASP A 62 12.91 -3.89 -3.87
C ASP A 62 13.23 -3.03 -5.10
N ASN A 63 13.56 -1.76 -4.87
CA ASN A 63 14.04 -0.87 -5.90
C ASN A 63 13.03 -0.63 -7.02
N VAL A 64 11.74 -0.64 -6.67
CA VAL A 64 10.69 -0.37 -7.66
C VAL A 64 9.71 0.69 -7.19
N SER A 65 10.08 1.43 -6.14
CA SER A 65 9.22 2.52 -5.66
C SER A 65 9.49 3.82 -6.40
N ILE A 66 8.48 4.68 -6.49
CA ILE A 66 8.61 5.94 -7.22
C ILE A 66 8.35 7.12 -6.27
N MET A 67 9.16 8.18 -6.38
CA MET A 67 8.87 9.43 -5.70
C MET A 67 8.62 10.54 -6.70
N ALA A 68 7.71 11.43 -6.29
CA ALA A 68 7.55 12.72 -6.91
C ALA A 68 8.29 13.71 -6.02
N ILE A 69 9.27 14.37 -6.64
CA ILE A 69 10.17 15.25 -5.92
C ILE A 69 10.18 16.64 -6.57
N SER A 70 10.11 17.68 -5.75
CA SER A 70 9.97 19.04 -6.26
C SER A 70 11.32 19.63 -6.63
N ASN A 71 11.29 20.85 -7.21
CA ASN A 71 12.51 21.54 -7.63
C ASN A 71 13.51 21.75 -6.50
N ASP A 72 13.01 21.96 -5.28
CA ASP A 72 13.88 22.16 -4.13
C ASP A 72 14.18 20.84 -3.39
N GLY A 73 13.83 19.72 -4.02
CA GLY A 73 14.18 18.41 -3.50
C GLY A 73 13.26 17.84 -2.43
N ASP A 74 12.12 18.48 -2.21
CA ASP A 74 11.11 17.98 -1.26
C ASP A 74 10.34 16.78 -1.82
N ILE A 75 10.05 15.81 -0.98
CA ILE A 75 9.21 14.69 -1.36
C ILE A 75 7.77 15.20 -1.46
N ALA A 76 7.25 15.25 -2.68
CA ALA A 76 5.86 15.67 -2.89
C ALA A 76 4.94 14.49 -2.71
N GLY A 77 5.42 13.31 -3.10
CA GLY A 77 4.58 12.13 -2.88
C GLY A 77 5.35 10.87 -3.21
N VAL A 78 4.82 9.71 -2.83
CA VAL A 78 5.46 8.44 -3.17
C VAL A 78 4.46 7.33 -3.51
N ALA A 79 4.93 6.37 -4.29
CA ALA A 79 4.29 5.08 -4.44
C ALA A 79 5.31 4.04 -4.01
N LEU A 80 5.08 3.42 -2.85
CA LEU A 80 5.98 2.38 -2.40
C LEU A 80 5.42 1.08 -2.95
N ASN A 81 6.27 0.40 -3.73
CA ASN A 81 5.89 -0.80 -4.47
C ASN A 81 6.81 -1.94 -4.11
N GLY A 82 6.22 -3.13 -3.97
CA GLY A 82 7.01 -4.32 -3.66
C GLY A 82 6.82 -5.44 -4.67
N ILE A 83 7.69 -6.43 -4.62
CA ILE A 83 7.59 -7.56 -5.53
C ILE A 83 7.11 -8.80 -4.77
N LEU A 84 6.00 -9.38 -5.21
CA LEU A 84 5.48 -10.62 -4.65
C LEU A 84 5.85 -11.79 -5.53
N TYR A 85 6.37 -12.85 -4.93
CA TYR A 85 6.70 -14.07 -5.68
C TYR A 85 5.71 -15.21 -5.42
N GLY A 86 5.37 -15.93 -6.50
CA GLY A 86 4.47 -17.06 -6.41
C GLY A 86 5.03 -18.23 -5.63
N ASN A 87 6.36 -18.31 -5.53
CA ASN A 87 7.00 -19.44 -4.85
C ASN A 87 7.34 -19.15 -3.40
N THR A 88 6.90 -18.00 -2.90
CA THR A 88 7.08 -17.64 -1.50
C THR A 88 6.30 -18.59 -0.59
N ASP A 89 7.00 -19.14 0.40
CA ASP A 89 6.42 -20.12 1.32
C ASP A 89 5.16 -19.62 2.02
N ILE A 90 4.24 -20.55 2.30
CA ILE A 90 2.91 -20.23 2.83
C ILE A 90 2.86 -20.39 4.36
N GLU A 91 4.03 -20.47 4.98
CA GLU A 91 4.15 -20.39 6.43
C GLU A 91 4.61 -18.99 6.78
N LYS A 92 5.17 -18.30 5.78
CA LYS A 92 5.78 -16.99 5.96
C LYS A 92 4.91 -16.04 6.79
N SER A 93 3.73 -15.75 6.28
CA SER A 93 2.84 -14.79 6.91
C SER A 93 2.26 -15.32 8.23
N ARG A 94 1.68 -16.50 8.19
CA ARG A 94 0.98 -17.04 9.35
C ARG A 94 1.86 -17.25 10.58
N GLU A 95 3.19 -17.15 10.40
CA GLU A 95 4.11 -17.23 11.52
C GLU A 95 4.21 -15.85 12.17
N LYS A 96 4.41 -14.84 11.33
CA LYS A 96 4.47 -13.46 11.79
C LYS A 96 3.16 -13.06 12.47
N LEU A 97 2.03 -13.47 11.89
CA LEU A 97 0.73 -13.21 12.51
C LEU A 97 0.78 -13.65 13.97
N ASN A 98 1.36 -14.82 14.22
CA ASN A 98 1.54 -15.32 15.58
C ASN A 98 2.57 -14.52 16.38
N GLU A 99 3.54 -13.94 15.69
CA GLU A 99 4.71 -13.34 16.35
C GLU A 99 4.55 -11.88 16.85
N ILE A 100 3.53 -11.17 16.40
CA ILE A 100 3.41 -9.75 16.70
C ILE A 100 2.90 -9.43 18.12
N GLN A 101 3.59 -8.52 18.81
CA GLN A 101 3.15 -8.09 20.15
C GLN A 101 2.22 -6.87 20.12
N ASP A 102 2.16 -6.21 18.97
CA ASP A 102 1.31 -5.06 18.81
C ASP A 102 -0.08 -5.55 18.41
N GLU A 103 -1.00 -5.56 19.36
CA GLU A 103 -2.40 -5.99 19.13
C GLU A 103 -3.03 -5.37 17.89
N SER A 104 -2.89 -4.05 17.79
CA SER A 104 -3.52 -3.28 16.71
C SER A 104 -2.96 -3.68 15.34
N PHE A 105 -1.63 -3.73 15.29
CA PHE A 105 -0.96 -4.15 14.07
C PHE A 105 -1.44 -5.53 13.66
N LYS A 106 -1.54 -6.42 14.64
CA LYS A 106 -1.99 -7.78 14.35
C LYS A 106 -3.39 -7.81 13.75
N LYS A 107 -4.28 -6.94 14.22
CA LYS A 107 -5.62 -6.85 13.62
C LYS A 107 -5.54 -6.54 12.12
N ILE A 108 -4.71 -5.55 11.80
CA ILE A 108 -4.52 -5.16 10.39
C ILE A 108 -3.91 -6.31 9.55
N PHE A 109 -2.80 -6.84 10.02
CA PHE A 109 -2.13 -7.95 9.34
C PHE A 109 -3.12 -9.09 9.07
N LYS A 110 -3.88 -9.45 10.10
CA LYS A 110 -4.85 -10.52 10.01
C LYS A 110 -5.90 -10.27 8.94
N LEU A 111 -6.48 -9.07 8.92
CA LEU A 111 -7.49 -8.80 7.89
C LEU A 111 -6.89 -8.96 6.48
N LEU A 112 -5.72 -8.37 6.28
CA LEU A 112 -5.14 -8.43 4.94
C LEU A 112 -4.77 -9.87 4.53
N TYR A 113 -4.20 -10.63 5.47
CA TYR A 113 -3.90 -12.05 5.22
C TYR A 113 -5.15 -12.86 4.86
N GLU A 114 -6.19 -12.70 5.66
CA GLU A 114 -7.44 -13.39 5.44
C GLU A 114 -8.04 -13.08 4.08
N GLN A 115 -8.05 -11.81 3.70
CA GLN A 115 -8.67 -11.47 2.43
C GLN A 115 -7.84 -12.03 1.28
N ASN A 116 -6.52 -11.96 1.43
CA ASN A 116 -5.65 -12.50 0.39
C ASN A 116 -5.77 -14.02 0.20
N LEU A 117 -6.22 -14.74 1.22
CA LEU A 117 -6.49 -16.17 1.03
C LEU A 117 -7.62 -16.49 0.04
N LYS A 118 -8.43 -15.51 -0.30
CA LYS A 118 -9.65 -15.79 -1.06
C LYS A 118 -9.43 -15.73 -2.56
N ILE A 119 -8.24 -15.29 -2.95
CA ILE A 119 -7.89 -15.24 -4.36
C ILE A 119 -6.45 -15.74 -4.57
N ASN A 120 -6.15 -16.17 -5.79
CA ASN A 120 -4.78 -16.53 -6.15
C ASN A 120 -4.49 -15.93 -7.52
N LEU A 121 -3.85 -14.77 -7.54
CA LEU A 121 -3.65 -14.07 -8.80
C LEU A 121 -2.56 -14.74 -9.62
N PHE A 122 -1.63 -15.41 -8.95
CA PHE A 122 -0.54 -16.10 -9.65
C PHE A 122 -1.15 -17.17 -10.55
N LYS A 123 -2.11 -17.91 -10.00
CA LYS A 123 -2.78 -18.93 -10.77
C LYS A 123 -3.69 -18.33 -11.83
N GLN A 124 -4.47 -17.34 -11.43
CA GLN A 124 -5.45 -16.73 -12.33
C GLN A 124 -4.80 -16.20 -13.60
N PHE A 125 -3.62 -15.62 -13.47
CA PHE A 125 -2.97 -15.00 -14.63
C PHE A 125 -1.72 -15.74 -15.10
N ASP A 126 -1.44 -16.88 -14.49
CA ASP A 126 -0.26 -17.68 -14.82
C ASP A 126 1.03 -16.86 -14.79
N VAL A 127 1.30 -16.26 -13.64
CA VAL A 127 2.54 -15.49 -13.47
C VAL A 127 3.29 -15.95 -12.22
N ASP A 128 4.61 -15.76 -12.21
CA ASP A 128 5.42 -16.18 -11.08
C ASP A 128 5.80 -15.01 -10.18
N LYS A 129 5.42 -13.81 -10.59
CA LYS A 129 5.69 -12.63 -9.80
C LYS A 129 4.64 -11.55 -10.10
N ILE A 130 4.37 -10.73 -9.11
CA ILE A 130 3.37 -9.67 -9.23
C ILE A 130 3.90 -8.37 -8.63
N PHE A 131 3.57 -7.26 -9.27
CA PHE A 131 4.04 -5.94 -8.84
C PHE A 131 2.98 -5.34 -7.93
N GLU A 132 3.32 -5.14 -6.65
CA GLU A 132 2.34 -4.70 -5.66
C GLU A 132 2.51 -3.24 -5.21
N ILE A 133 1.47 -2.44 -5.41
CA ILE A 133 1.46 -1.06 -4.92
C ILE A 133 1.04 -1.14 -3.46
N ARG A 134 1.93 -0.73 -2.56
CA ARG A 134 1.68 -0.88 -1.13
C ARG A 134 1.27 0.40 -0.44
N ILE A 135 1.95 1.49 -0.80
CA ILE A 135 1.57 2.80 -0.25
C ILE A 135 1.48 3.80 -1.38
N LEU A 136 0.41 4.62 -1.38
CA LEU A 136 0.32 5.76 -2.29
C LEU A 136 0.01 6.97 -1.42
N SER A 137 0.91 7.95 -1.45
CA SER A 137 0.88 9.06 -0.49
C SER A 137 1.27 10.36 -1.17
N VAL A 138 0.49 11.42 -0.97
CA VAL A 138 0.82 12.73 -1.53
C VAL A 138 0.70 13.77 -0.43
N ASP A 139 1.77 14.53 -0.23
CA ASP A 139 1.85 15.59 0.77
C ASP A 139 0.75 16.63 0.50
N SER A 140 0.05 17.06 1.54
CA SER A 140 -1.07 17.99 1.36
C SER A 140 -0.68 19.25 0.58
N ARG A 141 0.57 19.70 0.73
CA ARG A 141 1.03 20.90 0.02
C ARG A 141 0.97 20.72 -1.50
N PHE A 142 1.02 19.46 -1.95
CA PHE A 142 1.18 19.15 -3.35
C PHE A 142 -0.05 18.51 -3.99
N ARG A 143 -1.16 18.51 -3.26
CA ARG A 143 -2.39 17.93 -3.78
C ARG A 143 -3.03 18.85 -4.82
N GLY A 144 -3.89 18.27 -5.64
CA GLY A 144 -4.52 19.02 -6.73
C GLY A 144 -3.67 19.16 -7.98
N LYS A 145 -2.52 18.49 -8.01
CA LYS A 145 -1.63 18.50 -9.18
C LYS A 145 -1.67 17.17 -9.96
N GLY A 146 -2.53 16.26 -9.52
CA GLY A 146 -2.72 14.99 -10.20
C GLY A 146 -1.61 14.01 -9.86
N LEU A 147 -0.86 14.28 -8.78
CA LEU A 147 0.30 13.44 -8.49
C LEU A 147 -0.02 11.98 -8.14
N ALA A 148 -1.11 11.74 -7.41
CA ALA A 148 -1.43 10.34 -7.07
C ALA A 148 -1.54 9.47 -8.34
N LYS A 149 -2.32 9.96 -9.31
CA LYS A 149 -2.56 9.22 -10.52
C LYS A 149 -1.25 9.07 -11.28
N LYS A 150 -0.48 10.15 -11.37
CA LYS A 150 0.80 10.10 -12.08
C LYS A 150 1.78 9.12 -11.45
N LEU A 151 1.77 9.03 -10.12
CA LEU A 151 2.64 8.08 -9.43
C LEU A 151 2.30 6.64 -9.79
N ILE A 152 1.00 6.35 -9.91
CA ILE A 152 0.61 5.01 -10.33
C ILE A 152 0.96 4.76 -11.81
N GLU A 153 0.76 5.78 -12.66
CA GLU A 153 1.14 5.68 -14.07
C GLU A 153 2.63 5.38 -14.23
N LYS A 154 3.47 6.09 -13.47
CA LYS A 154 4.92 5.88 -13.50
C LYS A 154 5.28 4.50 -12.94
N SER A 155 4.52 4.06 -11.93
CA SER A 155 4.70 2.73 -11.37
C SER A 155 4.43 1.66 -12.42
N GLU A 156 3.36 1.83 -13.19
CA GLU A 156 3.07 0.87 -14.25
C GLU A 156 4.15 0.88 -15.33
N GLU A 157 4.62 2.07 -15.70
CA GLU A 157 5.73 2.19 -16.66
C GLU A 157 6.96 1.39 -16.19
N LEU A 158 7.31 1.56 -14.93
CA LEU A 158 8.46 0.82 -14.38
C LEU A 158 8.19 -0.68 -14.33
N ALA A 159 6.99 -1.06 -13.89
CA ALA A 159 6.62 -2.48 -13.84
C ALA A 159 6.79 -3.12 -15.21
N LEU A 160 6.29 -2.45 -16.24
CA LEU A 160 6.38 -2.97 -17.62
C LEU A 160 7.84 -3.09 -18.05
N ASP A 161 8.61 -2.06 -17.75
CA ASP A 161 10.04 -2.08 -18.09
C ASP A 161 10.78 -3.25 -17.42
N ARG A 162 10.37 -3.61 -16.20
CA ARG A 162 10.99 -4.69 -15.43
C ARG A 162 10.41 -6.08 -15.75
N GLY A 163 9.49 -6.15 -16.70
CA GLY A 163 8.99 -7.42 -17.19
C GLY A 163 7.76 -7.96 -16.48
N PHE A 164 7.10 -7.13 -15.67
CA PHE A 164 5.88 -7.58 -15.00
C PHE A 164 4.67 -7.56 -15.93
N GLN A 165 3.73 -8.47 -15.66
CA GLN A 165 2.50 -8.56 -16.43
C GLN A 165 1.27 -8.26 -15.59
N VAL A 166 1.44 -8.32 -14.27
CA VAL A 166 0.30 -8.09 -13.37
C VAL A 166 0.67 -7.16 -12.23
N MET A 167 -0.20 -6.19 -11.96
CA MET A 167 -0.06 -5.34 -10.78
C MET A 167 -1.21 -5.57 -9.84
N LYS A 168 -0.98 -5.32 -8.55
CA LYS A 168 -1.96 -5.63 -7.51
C LYS A 168 -1.87 -4.56 -6.45
N THR A 169 -3.01 -4.22 -5.83
CA THR A 169 -2.96 -3.35 -4.65
C THR A 169 -4.07 -3.75 -3.68
N ASP A 170 -3.75 -3.72 -2.38
CA ASP A 170 -4.75 -3.99 -1.36
C ASP A 170 -5.14 -2.63 -0.80
N ALA A 171 -6.16 -2.05 -1.41
CA ALA A 171 -6.52 -0.67 -1.23
C ALA A 171 -7.52 -0.55 -0.10
N THR A 172 -7.07 0.06 1.00
CA THR A 172 -7.90 0.15 2.19
C THR A 172 -8.75 1.40 2.21
N GLY A 173 -8.40 2.37 1.37
CA GLY A 173 -9.06 3.67 1.38
C GLY A 173 -9.74 4.05 0.08
N ALA A 174 -10.75 4.90 0.18
CA ALA A 174 -11.55 5.31 -0.98
C ALA A 174 -10.78 6.10 -2.04
N PHE A 175 -9.83 6.92 -1.62
CA PHE A 175 -9.14 7.79 -2.58
C PHE A 175 -8.24 6.96 -3.49
N SER A 176 -7.47 6.05 -2.90
CA SER A 176 -6.57 5.22 -3.69
C SER A 176 -7.37 4.27 -4.58
N GLN A 177 -8.50 3.79 -4.05
CA GLN A 177 -9.40 2.98 -4.85
C GLN A 177 -9.85 3.74 -6.10
N ARG A 178 -10.27 4.99 -5.93
CA ARG A 178 -10.71 5.78 -7.11
C ARG A 178 -9.57 5.96 -8.11
N VAL A 179 -8.37 6.25 -7.61
CA VAL A 179 -7.22 6.43 -8.51
C VAL A 179 -6.94 5.17 -9.34
N VAL A 180 -6.76 4.04 -8.66
CA VAL A 180 -6.42 2.84 -9.40
C VAL A 180 -7.56 2.37 -10.31
N SER A 181 -8.81 2.54 -9.87
CA SER A 181 -9.96 2.23 -10.73
C SER A 181 -9.90 3.03 -12.02
N SER A 182 -9.58 4.32 -11.89
CA SER A 182 -9.47 5.18 -13.05
C SER A 182 -8.37 4.77 -14.01
N LEU A 183 -7.40 4.03 -13.48
CA LEU A 183 -6.31 3.49 -14.31
C LEU A 183 -6.48 2.03 -14.74
N GLY A 184 -7.70 1.50 -14.62
CA GLY A 184 -8.01 0.18 -15.13
C GLY A 184 -7.88 -0.98 -14.17
N PHE A 185 -7.61 -0.70 -12.89
CA PHE A 185 -7.61 -1.79 -11.90
C PHE A 185 -9.02 -2.27 -11.65
N ILE A 186 -9.15 -3.58 -11.45
CA ILE A 186 -10.41 -4.27 -11.25
C ILE A 186 -10.44 -4.87 -9.86
N THR A 187 -11.58 -4.79 -9.20
CA THR A 187 -11.72 -5.38 -7.87
C THR A 187 -11.90 -6.90 -7.95
N LYS A 188 -11.02 -7.62 -7.26
CA LYS A 188 -11.06 -9.07 -7.22
C LYS A 188 -11.66 -9.56 -5.92
N CYS A 189 -11.51 -8.78 -4.85
CA CYS A 189 -12.02 -9.20 -3.54
C CYS A 189 -12.40 -7.94 -2.78
N GLU A 190 -13.47 -7.95 -1.99
CA GLU A 190 -13.80 -6.75 -1.22
C GLU A 190 -14.53 -7.09 0.06
N ILE A 191 -14.38 -6.23 1.06
CA ILE A 191 -15.10 -6.40 2.32
C ILE A 191 -15.45 -5.06 2.95
N ASN A 192 -16.68 -4.94 3.47
CA ASN A 192 -17.14 -3.73 4.14
C ASN A 192 -16.66 -3.75 5.57
N TYR A 193 -16.06 -2.66 6.02
CA TYR A 193 -15.56 -2.56 7.38
C TYR A 193 -16.69 -2.73 8.39
N THR A 194 -17.89 -2.31 8.02
CA THR A 194 -19.00 -2.43 8.97
C THR A 194 -19.45 -3.88 9.15
N ASP A 195 -19.00 -4.77 8.25
CA ASP A 195 -19.40 -6.17 8.30
C ASP A 195 -18.32 -7.07 8.91
N TYR A 196 -17.18 -6.48 9.27
CA TYR A 196 -16.06 -7.26 9.76
C TYR A 196 -15.99 -7.17 11.28
N LEU A 197 -16.48 -8.21 11.97
CA LEU A 197 -16.66 -8.21 13.43
C LEU A 197 -15.84 -9.30 14.14
N ASP A 198 -15.48 -9.06 15.41
CA ASP A 198 -14.67 -10.03 16.19
C ASP A 198 -15.50 -11.18 16.77
N GLU A 199 -14.84 -12.09 17.48
CA GLU A 199 -15.53 -13.24 18.09
C GLU A 199 -16.40 -12.81 19.26
N ASN A 200 -16.40 -11.51 19.56
CA ASN A 200 -17.29 -10.94 20.57
C ASN A 200 -18.35 -10.04 19.94
N GLY A 201 -18.38 -10.00 18.61
CA GLY A 201 -19.44 -9.29 17.90
C GLY A 201 -19.36 -7.80 17.58
N GLU A 202 -18.26 -7.12 17.89
CA GLU A 202 -18.17 -5.69 17.56
C GLU A 202 -17.23 -5.41 16.39
N GLN A 203 -17.43 -4.27 15.76
CA GLN A 203 -16.64 -3.88 14.59
C GLN A 203 -15.16 -3.77 14.94
N ILE A 204 -14.31 -4.45 14.18
CA ILE A 204 -12.88 -4.45 14.47
C ILE A 204 -12.25 -3.13 14.04
N PHE A 205 -12.68 -2.62 12.88
CA PHE A 205 -12.21 -1.34 12.37
C PHE A 205 -13.37 -0.38 12.19
N VAL A 206 -13.46 0.60 13.06
CA VAL A 206 -14.41 1.68 12.87
C VAL A 206 -13.65 2.77 12.15
N VAL A 207 -13.93 2.92 10.85
CA VAL A 207 -13.15 3.81 9.99
C VAL A 207 -13.90 5.09 9.65
N ASP A 208 -13.15 6.19 9.53
CA ASP A 208 -13.73 7.47 9.22
C ASP A 208 -14.24 7.51 7.79
N PRO A 209 -15.32 8.25 7.55
CA PRO A 209 -15.74 8.50 6.16
C PRO A 209 -14.61 9.23 5.44
N PRO A 210 -14.47 9.02 4.12
CA PRO A 210 -15.35 8.27 3.22
C PRO A 210 -14.97 6.81 3.02
N HIS A 211 -14.15 6.25 3.91
CA HIS A 211 -13.65 4.90 3.71
C HIS A 211 -14.73 3.92 4.09
N GLU A 212 -14.91 2.90 3.25
CA GLU A 212 -16.02 1.98 3.40
C GLU A 212 -15.61 0.52 3.30
N LYS A 213 -14.69 0.24 2.38
CA LYS A 213 -14.31 -1.13 2.04
C LYS A 213 -12.82 -1.31 1.89
N LEU A 214 -12.36 -2.52 2.13
CA LEU A 214 -11.04 -2.95 1.70
C LEU A 214 -11.24 -3.64 0.36
N LYS A 215 -10.52 -3.21 -0.68
CA LYS A 215 -10.65 -3.87 -1.98
C LYS A 215 -9.29 -4.36 -2.43
N ILE A 216 -9.19 -5.65 -2.74
CA ILE A 216 -8.01 -6.16 -3.42
C ILE A 216 -8.25 -6.06 -4.92
N MET A 217 -7.37 -5.30 -5.58
CA MET A 217 -7.59 -4.85 -6.94
C MET A 217 -6.38 -5.21 -7.78
N CYS A 218 -6.61 -5.47 -9.06
CA CYS A 218 -5.48 -5.82 -9.91
C CYS A 218 -5.64 -5.37 -11.36
N LYS A 219 -4.53 -5.37 -12.09
CA LYS A 219 -4.54 -4.95 -13.48
C LYS A 219 -3.55 -5.81 -14.26
N VAL A 220 -4.01 -6.36 -15.39
CA VAL A 220 -3.09 -7.00 -16.31
C VAL A 220 -2.50 -5.92 -17.20
N ILE A 221 -1.18 -5.82 -17.21
CA ILE A 221 -0.51 -4.71 -17.91
C ILE A 221 0.24 -5.12 -19.17
N ASN A 222 0.58 -6.40 -19.27
CA ASN A 222 1.17 -6.94 -20.49
C ASN A 222 0.65 -8.34 -20.78
I IOD B . 5.05 -0.84 2.83
I IOD C . -4.21 13.25 -3.08
I IOD D . -4.55 8.50 -2.87
I IOD E . 3.16 17.27 -12.17
I IOD F . -1.69 -12.98 -5.25
I IOD G . 12.79 -6.00 -10.52
I IOD H . -7.19 6.32 0.58
I IOD I . 0.99 1.55 6.27
#